data_3BM8
#
_entry.id   3BM8
#
_cell.length_a   48.534
_cell.length_b   54.611
_cell.length_c   95.758
_cell.angle_alpha   90.00
_cell.angle_beta   90.00
_cell.angle_gamma   90.00
#
_symmetry.space_group_name_H-M   'P 21 21 21'
#
loop_
_entity.id
_entity.type
_entity.pdbx_description
1 polymer 'Tyrosine-protein phosphatase yopH'
2 non-polymer 'phenyl ethenesulfonate'
3 water water
#
_entity_poly.entity_id   1
_entity_poly.type   'polypeptide(L)'
_entity_poly.pdbx_seq_one_letter_code
;RERPHTSGHHGAGEARATAPSTVSPYGPEARAELSSRLTTLRNTLAPATNDPRYLQACGGEKLNRFRDIQCRRQTAVRAD
LNANYIQVGNTRTIACQYPLQSQLESHFRMLAENRTPVLAVLASSSEIANQRFGMPDYFRQSGTYGSITVESKMTQQVGL
GDGIMADMYTLTIREAGQKTISVPVVHVGNWPAQTAVSSEVTKALASLVDQTAETKRNMYESKGSSAVADDSKLRPVIHC
RAGVGRTAQLIGAMCMNDSRNSQLSVEDMVSQMRVQRNGIMVQKDEQLDVLIKLAEGQGRPLLNS
;
_entity_poly.pdbx_strand_id   A
#
loop_
_chem_comp.id
_chem_comp.type
_chem_comp.name
_chem_comp.formula
PSY non-polymer 'phenyl ethenesulfonate' 'C8 H8 O3 S'
#
# COMPACT_ATOMS: atom_id res chain seq x y z
N SER A 24 9.30 -29.20 10.20
CA SER A 24 10.08 -27.94 9.96
C SER A 24 9.11 -26.79 9.75
N PRO A 25 9.19 -25.76 10.61
CA PRO A 25 8.34 -24.58 10.55
C PRO A 25 8.48 -23.86 9.23
N TYR A 26 9.71 -23.85 8.72
CA TYR A 26 9.99 -23.18 7.47
C TYR A 26 10.47 -24.19 6.44
N GLY A 27 10.14 -25.46 6.67
CA GLY A 27 10.54 -26.50 5.74
C GLY A 27 9.75 -26.38 4.45
N PRO A 28 10.28 -26.88 3.33
CA PRO A 28 9.52 -26.77 2.08
C PRO A 28 8.08 -27.29 2.18
N GLU A 29 7.86 -28.30 3.04
CA GLU A 29 6.51 -28.84 3.19
C GLU A 29 5.67 -27.72 3.77
N ALA A 30 6.22 -27.07 4.79
CA ALA A 30 5.54 -25.96 5.45
C ALA A 30 5.17 -24.90 4.42
N ARG A 31 6.19 -24.38 3.74
CA ARG A 31 6.00 -23.36 2.74
C ARG A 31 4.98 -23.80 1.71
N ALA A 32 5.01 -25.08 1.35
CA ALA A 32 4.09 -25.61 0.37
C ALA A 32 2.62 -25.61 0.85
N GLU A 33 2.42 -25.84 2.13
CA GLU A 33 1.06 -25.83 2.66
C GLU A 33 0.53 -24.42 2.64
N LEU A 34 1.41 -23.48 2.97
CA LEU A 34 1.03 -22.06 2.97
C LEU A 34 0.59 -21.66 1.59
N SER A 35 1.53 -21.69 0.65
CA SER A 35 1.26 -21.34 -0.73
C SER A 35 -0.04 -22.04 -1.14
N SER A 36 -0.15 -23.30 -0.74
CA SER A 36 -1.34 -24.10 -1.03
C SER A 36 -2.61 -23.38 -0.60
N ARG A 37 -2.75 -23.18 0.71
CA ARG A 37 -3.91 -22.51 1.26
C ARG A 37 -4.09 -21.17 0.58
N LEU A 38 -2.99 -20.46 0.42
CA LEU A 38 -3.00 -19.16 -0.22
C LEU A 38 -3.49 -19.23 -1.66
N THR A 39 -3.18 -20.32 -2.36
CA THR A 39 -3.63 -20.45 -3.74
C THR A 39 -5.14 -20.62 -3.78
N THR A 40 -5.67 -21.53 -2.99
CA THR A 40 -7.11 -21.74 -2.95
C THR A 40 -7.80 -20.41 -2.68
N LEU A 41 -7.29 -19.70 -1.67
CA LEU A 41 -7.83 -18.40 -1.32
C LEU A 41 -7.75 -17.43 -2.48
N ARG A 42 -6.60 -17.34 -3.15
CA ARG A 42 -6.52 -16.42 -4.28
C ARG A 42 -7.61 -16.77 -5.28
N ASN A 43 -7.84 -18.08 -5.47
CA ASN A 43 -8.85 -18.57 -6.42
C ASN A 43 -10.29 -18.25 -6.01
N THR A 44 -10.64 -18.57 -4.78
CA THR A 44 -12.00 -18.30 -4.31
C THR A 44 -12.29 -16.81 -4.24
N LEU A 45 -11.26 -15.98 -4.16
CA LEU A 45 -11.46 -14.54 -4.08
C LEU A 45 -11.46 -13.87 -5.45
N ALA A 46 -11.14 -14.62 -6.49
CA ALA A 46 -11.12 -14.07 -7.84
C ALA A 46 -12.46 -13.42 -8.12
N PRO A 47 -12.43 -12.16 -8.56
CA PRO A 47 -13.65 -11.42 -8.85
C PRO A 47 -14.47 -11.97 -10.03
N ALA A 48 -15.77 -12.12 -9.81
CA ALA A 48 -16.68 -12.62 -10.83
C ALA A 48 -17.52 -11.44 -11.32
N THR A 49 -17.99 -11.51 -12.56
CA THR A 49 -18.79 -10.45 -13.17
C THR A 49 -19.82 -9.88 -12.24
N ASN A 50 -19.66 -8.62 -11.88
CA ASN A 50 -20.61 -7.95 -11.01
C ASN A 50 -20.57 -8.58 -9.62
N ASP A 51 -19.37 -8.98 -9.21
CA ASP A 51 -19.15 -9.61 -7.92
C ASP A 51 -19.55 -8.71 -6.75
N PRO A 52 -20.53 -9.14 -5.95
CA PRO A 52 -21.02 -8.38 -4.80
C PRO A 52 -19.93 -8.01 -3.81
N ARG A 53 -18.88 -8.83 -3.75
CA ARG A 53 -17.77 -8.61 -2.84
C ARG A 53 -16.88 -7.44 -3.25
N TYR A 54 -16.97 -7.02 -4.50
CA TYR A 54 -16.15 -5.94 -4.98
C TYR A 54 -16.90 -4.69 -5.46
N LEU A 55 -16.19 -3.57 -5.43
CA LEU A 55 -16.72 -2.29 -5.85
C LEU A 55 -16.79 -2.23 -7.37
N GLN A 56 -17.93 -1.82 -7.91
CA GLN A 56 -18.13 -1.76 -9.36
C GLN A 56 -17.91 -0.39 -9.98
N ALA A 57 -17.64 -0.38 -11.28
CA ALA A 57 -17.45 0.86 -12.02
C ALA A 57 -18.84 1.44 -12.28
N CYS A 58 -19.03 2.69 -11.90
CA CYS A 58 -20.31 3.35 -12.08
C CYS A 58 -20.57 3.73 -13.53
N GLY A 59 -21.57 3.07 -14.11
CA GLY A 59 -21.97 3.32 -15.48
C GLY A 59 -21.03 4.00 -16.45
N GLY A 60 -19.90 3.35 -16.75
CA GLY A 60 -18.98 3.93 -17.68
C GLY A 60 -17.52 3.94 -17.29
N GLU A 61 -17.08 5.08 -16.78
CA GLU A 61 -15.68 5.27 -16.40
C GLU A 61 -14.97 4.11 -15.70
N LYS A 62 -13.86 3.70 -16.30
CA LYS A 62 -13.00 2.63 -15.81
C LYS A 62 -12.60 2.92 -14.38
N LEU A 63 -12.81 1.95 -13.50
CA LEU A 63 -12.46 2.13 -12.10
C LEU A 63 -11.17 1.41 -11.69
N ASN A 64 -10.99 0.18 -12.18
CA ASN A 64 -9.81 -0.59 -11.85
C ASN A 64 -8.77 -0.40 -12.93
N ARG A 65 -7.53 -0.13 -12.53
CA ARG A 65 -6.49 0.05 -13.51
C ARG A 65 -6.40 -1.24 -14.30
N PHE A 66 -6.53 -2.36 -13.59
CA PHE A 66 -6.50 -3.68 -14.21
C PHE A 66 -7.84 -4.31 -13.87
N ARG A 67 -8.59 -4.70 -14.88
CA ARG A 67 -9.90 -5.29 -14.67
C ARG A 67 -9.93 -6.74 -14.25
N ASP A 68 -8.99 -7.13 -13.41
CA ASP A 68 -8.90 -8.49 -12.87
C ASP A 68 -8.33 -8.35 -11.47
N ILE A 69 -7.95 -7.11 -11.15
CA ILE A 69 -7.39 -6.75 -9.86
C ILE A 69 -8.33 -5.71 -9.30
N GLN A 70 -9.41 -6.18 -8.71
CA GLN A 70 -10.44 -5.31 -8.18
C GLN A 70 -10.34 -4.90 -6.71
N CYS A 71 -11.33 -4.14 -6.25
CA CYS A 71 -11.32 -3.64 -4.89
C CYS A 71 -12.44 -4.17 -3.99
N ARG A 72 -12.07 -4.58 -2.78
CA ARG A 72 -13.06 -5.09 -1.83
C ARG A 72 -14.04 -3.98 -1.51
N ARG A 73 -15.32 -4.21 -1.75
CA ARG A 73 -16.30 -3.16 -1.47
C ARG A 73 -16.46 -2.91 0.02
N GLN A 74 -16.38 -3.98 0.81
CA GLN A 74 -16.53 -3.88 2.25
C GLN A 74 -15.61 -2.84 2.86
N THR A 75 -14.34 -2.88 2.43
CA THR A 75 -13.29 -2.01 2.96
C THR A 75 -12.97 -0.79 2.11
N ALA A 76 -13.59 -0.70 0.95
CA ALA A 76 -13.35 0.42 0.05
C ALA A 76 -13.31 1.78 0.75
N VAL A 77 -12.28 2.56 0.45
CA VAL A 77 -12.14 3.89 1.05
C VAL A 77 -13.02 4.93 0.33
N ARG A 78 -13.05 4.87 -1.00
CA ARG A 78 -13.87 5.81 -1.74
C ARG A 78 -14.56 5.09 -2.89
N ALA A 79 -15.87 5.36 -3.03
CA ALA A 79 -16.69 4.74 -4.06
C ALA A 79 -16.09 4.82 -5.46
N ASP A 80 -15.11 5.70 -5.65
CA ASP A 80 -14.53 5.82 -6.97
C ASP A 80 -13.01 5.72 -6.99
N LEU A 81 -12.48 4.77 -6.22
CA LEU A 81 -11.03 4.55 -6.17
C LEU A 81 -10.76 3.08 -5.89
N ASN A 82 -9.74 2.55 -6.54
CA ASN A 82 -9.38 1.18 -6.27
C ASN A 82 -8.43 1.33 -5.08
N ALA A 83 -9.00 1.29 -3.89
CA ALA A 83 -8.24 1.49 -2.66
C ALA A 83 -9.04 0.95 -1.47
N ASN A 84 -8.37 0.22 -0.57
CA ASN A 84 -9.05 -0.35 0.60
C ASN A 84 -8.40 -0.11 1.94
N TYR A 85 -9.19 -0.26 2.99
CA TYR A 85 -8.70 -0.13 4.35
C TYR A 85 -8.28 -1.55 4.72
N ILE A 86 -6.98 -1.73 4.98
CA ILE A 86 -6.47 -3.04 5.36
C ILE A 86 -6.00 -2.98 6.81
N GLN A 87 -6.16 -4.10 7.51
CA GLN A 87 -5.73 -4.17 8.88
C GLN A 87 -5.16 -5.54 9.10
N VAL A 88 -3.84 -5.61 9.16
CA VAL A 88 -3.17 -6.88 9.39
C VAL A 88 -2.82 -6.86 10.87
N GLY A 89 -3.60 -7.57 11.66
CA GLY A 89 -3.35 -7.61 13.08
C GLY A 89 -3.81 -6.32 13.68
N ASN A 90 -2.86 -5.52 14.14
CA ASN A 90 -3.18 -4.24 14.75
C ASN A 90 -2.74 -3.14 13.81
N THR A 91 -2.03 -3.55 12.77
CA THR A 91 -1.52 -2.63 11.79
C THR A 91 -2.60 -2.36 10.75
N ARG A 92 -2.95 -1.09 10.63
CA ARG A 92 -3.97 -0.63 9.70
C ARG A 92 -3.36 0.34 8.71
N THR A 93 -3.62 0.13 7.43
CA THR A 93 -3.11 1.02 6.43
C THR A 93 -4.13 1.14 5.32
N ILE A 94 -3.63 1.52 4.15
CA ILE A 94 -4.46 1.69 2.98
C ILE A 94 -3.63 1.29 1.80
N ALA A 95 -4.12 0.33 1.03
CA ALA A 95 -3.42 -0.11 -0.14
C ALA A 95 -4.33 0.29 -1.28
N CYS A 96 -3.74 0.79 -2.36
CA CYS A 96 -4.51 1.20 -3.52
C CYS A 96 -3.68 1.04 -4.78
N GLN A 97 -4.35 1.15 -5.92
CA GLN A 97 -3.66 1.04 -7.18
C GLN A 97 -3.10 2.41 -7.46
N TYR A 98 -2.42 2.55 -8.59
CA TYR A 98 -1.88 3.83 -8.96
C TYR A 98 -3.03 4.57 -9.60
N PRO A 99 -3.40 5.71 -9.03
CA PRO A 99 -4.51 6.54 -9.52
C PRO A 99 -4.54 6.82 -11.02
N LEU A 100 -5.72 6.75 -11.62
CA LEU A 100 -5.87 7.02 -13.04
C LEU A 100 -5.99 8.53 -13.18
N GLN A 101 -5.83 9.04 -14.40
CA GLN A 101 -5.94 10.48 -14.64
C GLN A 101 -7.14 11.03 -13.88
N SER A 102 -8.28 10.39 -14.11
CA SER A 102 -9.54 10.78 -13.52
C SER A 102 -9.55 10.69 -11.99
N GLN A 103 -9.04 9.58 -11.47
CA GLN A 103 -9.03 9.34 -10.04
C GLN A 103 -8.23 10.39 -9.26
N LEU A 104 -7.25 11.01 -9.90
CA LEU A 104 -6.39 12.01 -9.26
C LEU A 104 -7.06 12.91 -8.21
N GLU A 105 -8.09 13.64 -8.62
CA GLU A 105 -8.78 14.54 -7.69
C GLU A 105 -9.28 13.80 -6.45
N SER A 106 -10.03 12.73 -6.66
CA SER A 106 -10.56 11.94 -5.54
C SER A 106 -9.40 11.27 -4.79
N HIS A 107 -8.30 11.04 -5.49
CA HIS A 107 -7.13 10.43 -4.88
C HIS A 107 -6.59 11.44 -3.87
N PHE A 108 -6.32 12.64 -4.37
CA PHE A 108 -5.82 13.72 -3.54
C PHE A 108 -6.77 13.95 -2.38
N ARG A 109 -8.07 13.94 -2.68
CA ARG A 109 -9.07 14.16 -1.64
C ARG A 109 -8.88 13.15 -0.51
N MET A 110 -8.72 11.89 -0.88
CA MET A 110 -8.54 10.86 0.12
C MET A 110 -7.30 11.14 0.97
N LEU A 111 -6.13 11.09 0.34
CA LEU A 111 -4.89 11.31 1.07
C LEU A 111 -4.99 12.47 2.04
N ALA A 112 -5.75 13.49 1.65
CA ALA A 112 -5.93 14.66 2.49
C ALA A 112 -6.74 14.28 3.70
N GLU A 113 -7.98 13.87 3.46
CA GLU A 113 -8.87 13.49 4.53
C GLU A 113 -8.21 12.48 5.45
N ASN A 114 -7.54 11.47 4.87
CA ASN A 114 -6.88 10.48 5.71
C ASN A 114 -5.80 11.13 6.57
N ARG A 115 -5.49 12.39 6.31
CA ARG A 115 -4.47 13.05 7.11
C ARG A 115 -3.22 12.18 6.95
N THR A 116 -3.09 11.62 5.75
CA THR A 116 -1.99 10.73 5.39
C THR A 116 -0.66 11.04 6.07
N PRO A 117 -0.20 10.14 6.96
CA PRO A 117 1.06 10.25 7.71
C PRO A 117 2.25 9.98 6.82
N VAL A 118 2.07 9.11 5.85
CA VAL A 118 3.12 8.78 4.90
C VAL A 118 2.51 8.13 3.68
N LEU A 119 3.11 8.38 2.52
CA LEU A 119 2.62 7.82 1.28
C LEU A 119 3.75 7.02 0.64
N ALA A 120 3.61 5.70 0.68
CA ALA A 120 4.62 4.83 0.11
C ALA A 120 4.23 4.49 -1.32
N VAL A 121 5.07 4.91 -2.27
CA VAL A 121 4.85 4.66 -3.69
C VAL A 121 5.99 3.76 -4.18
N LEU A 122 5.66 2.51 -4.45
CA LEU A 122 6.65 1.52 -4.86
C LEU A 122 6.75 1.27 -6.35
N ALA A 123 6.00 2.05 -7.13
CA ALA A 123 6.05 1.91 -8.58
C ALA A 123 7.34 2.57 -9.10
N SER A 124 7.92 2.01 -10.15
CA SER A 124 9.17 2.54 -10.68
C SER A 124 9.06 3.77 -11.57
N SER A 125 10.11 4.59 -11.56
CA SER A 125 10.17 5.81 -12.35
C SER A 125 10.12 5.45 -13.83
N SER A 126 10.42 4.19 -14.13
CA SER A 126 10.37 3.73 -15.50
C SER A 126 8.91 3.57 -15.84
N GLU A 127 8.16 2.94 -14.94
CA GLU A 127 6.72 2.70 -15.10
C GLU A 127 5.94 3.98 -15.21
N ILE A 128 6.37 4.98 -14.46
CA ILE A 128 5.70 6.26 -14.48
C ILE A 128 5.96 6.99 -15.79
N ALA A 129 7.23 7.10 -16.17
CA ALA A 129 7.62 7.81 -17.38
C ALA A 129 6.93 7.23 -18.61
N ASN A 130 6.58 5.96 -18.51
CA ASN A 130 5.92 5.24 -19.59
C ASN A 130 4.47 5.71 -19.76
N GLN A 131 4.28 6.70 -20.62
CA GLN A 131 2.94 7.24 -20.88
C GLN A 131 1.95 6.14 -21.20
N ARG A 132 2.42 5.08 -21.86
CA ARG A 132 1.57 3.96 -22.21
C ARG A 132 0.88 3.48 -20.93
N PHE A 133 1.63 3.50 -19.83
CA PHE A 133 1.12 3.03 -18.54
C PHE A 133 0.05 3.83 -17.80
N GLY A 134 -0.25 5.03 -18.27
CA GLY A 134 -1.27 5.85 -17.62
C GLY A 134 -1.11 6.10 -16.14
N MET A 135 0.13 6.38 -15.74
CA MET A 135 0.48 6.66 -14.34
C MET A 135 1.01 8.09 -14.24
N PRO A 136 0.12 9.05 -13.96
CA PRO A 136 0.52 10.45 -13.85
C PRO A 136 1.53 10.70 -12.74
N ASP A 137 2.54 11.52 -13.04
CA ASP A 137 3.60 11.85 -12.09
C ASP A 137 2.98 12.78 -11.07
N TYR A 138 1.87 12.31 -10.52
CA TYR A 138 1.08 13.05 -9.56
C TYR A 138 1.79 13.49 -8.30
N PHE A 139 2.88 12.84 -7.93
CA PHE A 139 3.53 13.25 -6.70
C PHE A 139 4.93 13.85 -6.80
N ARG A 140 5.58 13.71 -7.95
CA ARG A 140 6.92 14.27 -8.08
C ARG A 140 6.92 15.71 -8.59
N GLN A 141 5.92 16.05 -9.39
CA GLN A 141 5.80 17.39 -9.93
C GLN A 141 4.64 18.12 -9.28
N SER A 142 4.62 19.44 -9.44
CA SER A 142 3.57 20.28 -8.87
C SER A 142 2.53 20.57 -9.95
N GLY A 143 1.25 20.45 -9.59
CA GLY A 143 0.21 20.71 -10.57
C GLY A 143 -1.15 20.91 -9.97
N THR A 144 -2.12 21.27 -10.80
CA THR A 144 -3.50 21.47 -10.34
C THR A 144 -4.36 20.39 -10.95
N TYR A 145 -5.28 19.88 -10.17
CA TYR A 145 -6.17 18.83 -10.64
C TYR A 145 -7.57 19.24 -10.27
N GLY A 146 -8.00 20.34 -10.87
CA GLY A 146 -9.32 20.86 -10.59
C GLY A 146 -9.21 21.89 -9.49
N SER A 147 -10.13 21.84 -8.53
CA SER A 147 -10.15 22.77 -7.41
C SER A 147 -8.99 22.52 -6.45
N ILE A 148 -8.18 21.51 -6.79
CA ILE A 148 -7.03 21.12 -5.98
C ILE A 148 -5.69 21.45 -6.64
N THR A 149 -4.81 22.10 -5.90
CA THR A 149 -3.49 22.42 -6.43
C THR A 149 -2.45 21.70 -5.58
N VAL A 150 -1.52 21.03 -6.24
CA VAL A 150 -0.50 20.25 -5.55
C VAL A 150 0.91 20.78 -5.72
N GLU A 151 1.67 20.75 -4.62
CA GLU A 151 3.04 21.22 -4.63
C GLU A 151 3.95 20.07 -4.21
N SER A 152 4.88 19.70 -5.08
CA SER A 152 5.80 18.62 -4.73
C SER A 152 7.13 19.22 -4.31
N LYS A 153 7.51 18.94 -3.08
CA LYS A 153 8.75 19.44 -2.51
C LYS A 153 9.66 18.25 -2.21
N MET A 154 10.71 18.10 -3.01
CA MET A 154 11.67 17.02 -2.83
C MET A 154 12.51 17.24 -1.58
N THR A 155 12.37 16.34 -0.61
CA THR A 155 13.13 16.45 0.62
C THR A 155 14.43 15.66 0.57
N GLN A 156 14.44 14.46 1.14
CA GLN A 156 15.66 13.68 1.19
C GLN A 156 15.68 12.40 0.39
N GLN A 157 16.88 11.89 0.12
CA GLN A 157 17.07 10.65 -0.62
C GLN A 157 17.80 9.72 0.32
N VAL A 158 17.38 8.46 0.37
CA VAL A 158 18.04 7.50 1.25
C VAL A 158 18.19 6.12 0.63
N GLY A 159 19.43 5.67 0.54
CA GLY A 159 19.65 4.35 -0.02
C GLY A 159 19.07 3.32 0.90
N LEU A 160 18.68 2.17 0.37
CA LEU A 160 18.12 1.10 1.20
C LEU A 160 18.93 -0.18 1.09
N GLY A 161 19.93 -0.16 0.21
CA GLY A 161 20.76 -1.34 0.03
C GLY A 161 20.56 -1.89 -1.36
N ASP A 162 21.50 -2.73 -1.80
CA ASP A 162 21.41 -3.33 -3.13
C ASP A 162 21.25 -2.25 -4.17
N GLY A 163 21.48 -1.00 -3.78
CA GLY A 163 21.36 0.09 -4.71
C GLY A 163 19.94 0.61 -4.87
N ILE A 164 19.04 0.11 -4.04
CA ILE A 164 17.64 0.53 -4.07
C ILE A 164 17.53 1.86 -3.34
N MET A 165 16.79 2.81 -3.92
CA MET A 165 16.66 4.14 -3.35
C MET A 165 15.28 4.62 -2.95
N ALA A 166 15.26 5.40 -1.89
CA ALA A 166 14.02 5.96 -1.38
C ALA A 166 14.03 7.46 -1.60
N ASP A 167 13.29 7.92 -2.60
CA ASP A 167 13.23 9.35 -2.88
C ASP A 167 12.02 9.93 -2.15
N MET A 168 12.27 10.89 -1.28
CA MET A 168 11.21 11.48 -0.49
C MET A 168 10.85 12.91 -0.82
N TYR A 169 9.55 13.16 -0.83
CA TYR A 169 9.00 14.47 -1.14
C TYR A 169 7.92 14.76 -0.13
N THR A 170 7.53 16.03 -0.05
CA THR A 170 6.47 16.44 0.86
C THR A 170 5.35 16.96 -0.03
N LEU A 171 4.27 16.19 -0.12
CA LEU A 171 3.14 16.57 -0.93
C LEU A 171 2.21 17.53 -0.21
N THR A 172 2.00 18.69 -0.80
CA THR A 172 1.12 19.68 -0.21
C THR A 172 -0.14 19.79 -1.04
N ILE A 173 -1.27 19.40 -0.44
CA ILE A 173 -2.57 19.45 -1.10
C ILE A 173 -3.30 20.68 -0.57
N ARG A 174 -3.61 21.61 -1.46
CA ARG A 174 -4.32 22.83 -1.07
C ARG A 174 -5.66 22.86 -1.79
N GLU A 175 -6.69 23.32 -1.10
CA GLU A 175 -8.00 23.43 -1.70
C GLU A 175 -8.90 24.38 -0.93
N ALA A 176 -9.55 25.27 -1.69
CA ALA A 176 -10.45 26.26 -1.16
C ALA A 176 -11.45 25.65 -0.18
N GLY A 177 -11.60 26.29 0.98
CA GLY A 177 -12.54 25.79 1.98
C GLY A 177 -12.03 24.55 2.68
N GLN A 178 -11.02 23.90 2.11
CA GLN A 178 -10.47 22.70 2.71
C GLN A 178 -9.15 23.03 3.37
N LYS A 179 -8.77 22.22 4.35
CA LYS A 179 -7.54 22.39 5.11
C LYS A 179 -6.31 21.97 4.32
N THR A 180 -5.28 22.82 4.35
CA THR A 180 -4.05 22.49 3.65
C THR A 180 -3.47 21.28 4.35
N ILE A 181 -2.96 20.34 3.57
CA ILE A 181 -2.36 19.14 4.15
C ILE A 181 -1.17 18.65 3.37
N SER A 182 -0.01 18.72 4.01
CA SER A 182 1.22 18.27 3.41
C SER A 182 1.35 16.81 3.79
N VAL A 183 1.73 15.98 2.84
CA VAL A 183 1.87 14.55 3.08
C VAL A 183 3.30 14.12 2.82
N PRO A 184 3.93 13.43 3.77
CA PRO A 184 5.29 12.97 3.56
C PRO A 184 5.21 11.89 2.49
N VAL A 185 6.15 11.90 1.57
CA VAL A 185 6.13 10.91 0.52
C VAL A 185 7.42 10.12 0.46
N VAL A 186 7.30 8.80 0.39
CA VAL A 186 8.46 7.93 0.27
C VAL A 186 8.34 7.15 -1.03
N HIS A 187 9.19 7.51 -2.00
CA HIS A 187 9.18 6.86 -3.30
C HIS A 187 10.39 5.96 -3.57
N VAL A 188 10.11 4.74 -4.00
CA VAL A 188 11.17 3.82 -4.34
C VAL A 188 11.20 3.67 -5.86
N GLY A 189 12.12 4.39 -6.49
CA GLY A 189 12.22 4.36 -7.94
C GLY A 189 12.64 3.03 -8.54
N ASN A 190 13.79 2.51 -8.13
CA ASN A 190 14.31 1.26 -8.67
C ASN A 190 13.80 -0.06 -8.11
N TRP A 191 12.50 -0.19 -7.90
CA TRP A 191 11.94 -1.45 -7.40
C TRP A 191 11.10 -2.00 -8.57
N PRO A 192 11.74 -2.71 -9.51
CA PRO A 192 10.97 -3.24 -10.63
C PRO A 192 9.74 -4.01 -10.19
N ALA A 193 8.64 -3.83 -10.93
CA ALA A 193 7.39 -4.50 -10.63
C ALA A 193 7.51 -6.01 -10.83
N GLN A 194 6.62 -6.78 -10.20
CA GLN A 194 6.63 -8.23 -10.33
C GLN A 194 7.87 -8.91 -9.74
N THR A 195 8.58 -8.22 -8.84
CA THR A 195 9.78 -8.79 -8.23
C THR A 195 9.86 -8.48 -6.74
N ALA A 196 10.76 -9.15 -6.05
CA ALA A 196 10.94 -8.93 -4.62
C ALA A 196 12.35 -8.40 -4.36
N VAL A 197 12.47 -7.52 -3.38
CA VAL A 197 13.77 -6.96 -3.06
C VAL A 197 14.34 -7.66 -1.84
N SER A 198 15.65 -7.50 -1.63
CA SER A 198 16.35 -8.10 -0.50
C SER A 198 15.59 -7.90 0.80
N SER A 199 15.29 -9.01 1.49
CA SER A 199 14.58 -8.93 2.77
C SER A 199 15.28 -7.88 3.61
N GLU A 200 16.56 -7.69 3.35
CA GLU A 200 17.32 -6.67 4.06
C GLU A 200 16.69 -5.35 3.66
N VAL A 201 16.66 -5.09 2.37
CA VAL A 201 16.10 -3.87 1.84
C VAL A 201 14.64 -3.74 2.26
N THR A 202 13.84 -4.74 1.88
CA THR A 202 12.42 -4.75 2.22
C THR A 202 12.23 -4.28 3.66
N LYS A 203 13.18 -4.66 4.50
CA LYS A 203 13.13 -4.33 5.92
C LYS A 203 13.51 -2.87 6.21
N ALA A 204 14.57 -2.40 5.57
CA ALA A 204 15.02 -1.03 5.76
C ALA A 204 13.86 -0.09 5.45
N LEU A 205 13.21 -0.37 4.33
CA LEU A 205 12.06 0.38 3.84
C LEU A 205 10.90 0.46 4.83
N ALA A 206 10.45 -0.69 5.32
CA ALA A 206 9.35 -0.71 6.28
C ALA A 206 9.63 0.29 7.39
N SER A 207 10.83 0.21 7.94
CA SER A 207 11.26 1.09 9.02
C SER A 207 11.12 2.57 8.64
N LEU A 208 11.72 2.95 7.53
CA LEU A 208 11.66 4.33 7.04
C LEU A 208 10.21 4.76 6.84
N VAL A 209 9.42 3.89 6.23
CA VAL A 209 8.01 4.18 5.99
C VAL A 209 7.33 4.37 7.34
N ASP A 210 7.69 3.55 8.31
CA ASP A 210 7.10 3.67 9.63
C ASP A 210 7.67 4.90 10.32
N GLN A 211 8.97 5.10 10.15
CA GLN A 211 9.68 6.24 10.73
C GLN A 211 8.92 7.49 10.35
N THR A 212 8.81 7.70 9.05
CA THR A 212 8.13 8.85 8.47
C THR A 212 6.72 9.03 9.02
N ALA A 213 5.92 7.98 8.89
CA ALA A 213 4.55 8.01 9.36
C ALA A 213 4.51 8.38 10.82
N GLU A 214 5.53 7.97 11.56
CA GLU A 214 5.59 8.26 12.98
C GLU A 214 5.74 9.76 13.23
N THR A 215 6.71 10.38 12.55
CA THR A 215 6.99 11.79 12.69
C THR A 215 5.78 12.67 12.42
N LYS A 216 5.15 12.45 11.28
CA LYS A 216 3.98 13.24 10.89
C LYS A 216 2.84 12.98 11.86
N ARG A 217 2.54 11.70 12.09
CA ARG A 217 1.48 11.31 13.00
C ARG A 217 1.63 12.06 14.32
N ASN A 218 2.82 12.03 14.90
CA ASN A 218 3.11 12.71 16.16
C ASN A 218 2.83 14.21 16.07
N MET A 219 2.94 14.76 14.86
CA MET A 219 2.72 16.18 14.64
C MET A 219 1.23 16.53 14.73
N TYR A 220 0.38 15.66 14.19
CA TYR A 220 -1.05 15.90 14.25
C TYR A 220 -1.46 15.73 15.72
N GLU A 221 -0.85 14.74 16.38
CA GLU A 221 -1.13 14.47 17.79
C GLU A 221 -0.79 15.70 18.61
N SER A 222 0.36 16.27 18.33
CA SER A 222 0.79 17.47 19.05
C SER A 222 -0.16 18.61 18.72
N LYS A 223 -0.41 18.84 17.44
CA LYS A 223 -1.30 19.90 17.02
C LYS A 223 -2.69 19.65 17.55
N GLY A 224 -2.83 18.63 18.40
CA GLY A 224 -4.12 18.32 18.96
C GLY A 224 -5.13 17.97 17.88
N SER A 225 -4.66 17.34 16.81
CA SER A 225 -5.55 16.94 15.72
C SER A 225 -6.70 16.09 16.26
N SER A 226 -7.69 15.82 15.42
CA SER A 226 -8.84 15.02 15.83
C SER A 226 -8.96 13.73 15.04
N ALA A 227 -8.07 13.54 14.06
CA ALA A 227 -8.08 12.34 13.24
C ALA A 227 -7.42 11.23 14.03
N VAL A 228 -7.13 11.52 15.30
CA VAL A 228 -6.51 10.57 16.21
C VAL A 228 -7.59 9.64 16.77
N ALA A 229 -8.75 10.21 17.03
CA ALA A 229 -9.86 9.43 17.55
C ALA A 229 -10.41 8.56 16.44
N ASP A 230 -10.47 9.10 15.23
CA ASP A 230 -10.98 8.34 14.09
C ASP A 230 -9.95 7.32 13.63
N ASP A 231 -10.35 6.07 13.71
CA ASP A 231 -9.49 4.96 13.33
C ASP A 231 -9.17 4.88 11.84
N SER A 232 -10.18 5.08 11.01
CA SER A 232 -9.98 4.99 9.57
C SER A 232 -9.09 6.12 9.02
N LYS A 233 -8.51 6.91 9.91
CA LYS A 233 -7.67 8.03 9.49
C LYS A 233 -6.21 7.92 9.93
N LEU A 234 -5.37 8.80 9.41
CA LEU A 234 -3.95 8.78 9.74
C LEU A 234 -3.35 7.46 9.30
N ARG A 235 -3.88 6.94 8.20
CA ARG A 235 -3.41 5.66 7.69
C ARG A 235 -2.39 5.78 6.59
N PRO A 236 -1.24 5.12 6.76
CA PRO A 236 -0.23 5.20 5.71
C PRO A 236 -0.85 4.64 4.47
N VAL A 237 -0.50 5.19 3.32
CA VAL A 237 -1.04 4.70 2.06
C VAL A 237 0.10 4.15 1.23
N ILE A 238 -0.11 2.95 0.69
CA ILE A 238 0.92 2.30 -0.10
C ILE A 238 0.32 1.86 -1.42
N HIS A 239 1.16 1.81 -2.45
CA HIS A 239 0.72 1.36 -3.75
C HIS A 239 1.83 1.33 -4.77
N CYS A 240 1.78 0.33 -5.64
CA CYS A 240 2.74 0.23 -6.71
C CYS A 240 1.97 0.69 -7.93
N ARG A 241 1.53 -0.26 -8.74
CA ARG A 241 0.76 0.04 -9.95
C ARG A 241 -0.64 -0.51 -9.70
N ALA A 242 -0.73 -1.81 -9.46
CA ALA A 242 -2.00 -2.47 -9.21
C ALA A 242 -2.25 -2.54 -7.70
N GLY A 243 -1.30 -2.05 -6.92
CA GLY A 243 -1.42 -2.06 -5.47
C GLY A 243 -1.61 -3.42 -4.83
N VAL A 244 -0.93 -4.45 -5.33
CA VAL A 244 -1.08 -5.79 -4.75
C VAL A 244 0.22 -6.58 -4.62
N GLY A 245 1.20 -6.28 -5.46
CA GLY A 245 2.45 -7.01 -5.38
C GLY A 245 3.42 -6.37 -4.43
N ARG A 246 4.17 -5.41 -4.96
CA ARG A 246 5.17 -4.68 -4.19
C ARG A 246 4.54 -4.07 -2.96
N THR A 247 3.28 -3.66 -3.12
CA THR A 247 2.54 -3.04 -2.04
C THR A 247 2.39 -4.05 -0.92
N ALA A 248 1.79 -5.18 -1.25
CA ALA A 248 1.57 -6.24 -0.27
C ALA A 248 2.88 -6.61 0.44
N GLN A 249 3.99 -6.62 -0.28
CA GLN A 249 5.24 -6.96 0.36
C GLN A 249 5.54 -5.98 1.50
N LEU A 250 5.51 -4.69 1.18
CA LEU A 250 5.76 -3.66 2.19
C LEU A 250 4.84 -3.86 3.39
N ILE A 251 3.54 -3.92 3.12
CA ILE A 251 2.58 -4.09 4.19
C ILE A 251 2.99 -5.24 5.11
N GLY A 252 3.16 -6.43 4.52
CA GLY A 252 3.56 -7.56 5.32
C GLY A 252 4.77 -7.17 6.12
N ALA A 253 5.69 -6.46 5.47
CA ALA A 253 6.90 -6.04 6.14
C ALA A 253 6.55 -5.10 7.29
N MET A 254 5.72 -4.12 7.01
CA MET A 254 5.34 -3.16 8.04
C MET A 254 4.59 -3.85 9.17
N CYS A 255 3.88 -4.92 8.82
CA CYS A 255 3.11 -5.67 9.80
C CYS A 255 4.00 -6.30 10.88
N MET A 256 4.94 -7.14 10.45
CA MET A 256 5.83 -7.80 11.39
C MET A 256 6.71 -6.78 12.09
N ASN A 257 6.68 -5.55 11.60
CA ASN A 257 7.48 -4.47 12.17
C ASN A 257 6.70 -3.77 13.29
N ASP A 258 5.43 -4.14 13.44
CA ASP A 258 4.57 -3.58 14.48
C ASP A 258 4.70 -4.53 15.67
N SER A 259 5.32 -4.02 16.74
CA SER A 259 5.56 -4.80 17.96
C SER A 259 4.33 -5.28 18.73
N ARG A 260 3.19 -5.37 18.05
CA ARG A 260 1.95 -5.82 18.67
C ARG A 260 1.35 -7.00 17.93
N ASN A 261 1.91 -7.30 16.76
CA ASN A 261 1.39 -8.39 15.96
C ASN A 261 1.97 -9.73 16.35
N SER A 262 2.42 -9.83 17.59
CA SER A 262 2.98 -11.07 18.08
C SER A 262 2.00 -12.21 17.79
N GLN A 263 2.54 -13.31 17.28
CA GLN A 263 1.75 -14.50 16.95
C GLN A 263 0.92 -14.41 15.68
N LEU A 264 0.99 -13.27 14.99
CA LEU A 264 0.25 -13.13 13.74
C LEU A 264 1.01 -13.95 12.73
N SER A 265 0.34 -14.92 12.11
CA SER A 265 1.02 -15.79 11.16
C SER A 265 1.16 -15.17 9.79
N VAL A 266 1.99 -15.78 8.96
CA VAL A 266 2.15 -15.31 7.60
C VAL A 266 0.79 -15.58 6.97
N GLU A 267 0.29 -16.80 7.21
CA GLU A 267 -1.00 -17.23 6.70
C GLU A 267 -2.01 -16.12 6.89
N ASP A 268 -2.08 -15.59 8.11
CA ASP A 268 -3.01 -14.50 8.42
C ASP A 268 -2.74 -13.24 7.61
N MET A 269 -1.49 -12.79 7.59
CA MET A 269 -1.13 -11.59 6.86
C MET A 269 -1.68 -11.60 5.43
N VAL A 270 -1.41 -12.68 4.71
CA VAL A 270 -1.86 -12.80 3.33
C VAL A 270 -3.36 -13.05 3.21
N SER A 271 -3.88 -13.93 4.05
CA SER A 271 -5.30 -14.23 4.00
C SER A 271 -6.16 -13.06 4.47
N GLN A 272 -5.55 -12.13 5.21
CA GLN A 272 -6.29 -10.97 5.68
C GLN A 272 -6.31 -9.90 4.63
N MET A 273 -5.13 -9.61 4.08
CA MET A 273 -5.00 -8.58 3.05
C MET A 273 -5.86 -8.91 1.85
N ARG A 274 -5.96 -10.20 1.55
CA ARG A 274 -6.71 -10.65 0.40
C ARG A 274 -8.21 -10.63 0.61
N VAL A 275 -8.64 -10.64 1.86
CA VAL A 275 -10.07 -10.60 2.15
C VAL A 275 -10.44 -9.14 2.26
N GLN A 276 -9.43 -8.33 2.55
CA GLN A 276 -9.64 -6.90 2.70
C GLN A 276 -9.44 -6.11 1.41
N ARG A 277 -8.70 -6.65 0.44
CA ARG A 277 -8.51 -5.93 -0.82
C ARG A 277 -8.90 -6.83 -2.00
N ASN A 278 -8.11 -7.87 -2.22
CA ASN A 278 -8.39 -8.83 -3.29
C ASN A 278 -7.44 -10.03 -3.15
N GLY A 279 -7.87 -11.18 -3.65
CA GLY A 279 -7.07 -12.39 -3.58
C GLY A 279 -5.70 -12.39 -4.24
N ILE A 280 -5.34 -11.27 -4.86
CA ILE A 280 -4.06 -11.20 -5.52
C ILE A 280 -2.99 -10.66 -4.59
N MET A 281 -3.39 -10.16 -3.43
CA MET A 281 -2.43 -9.62 -2.46
C MET A 281 -1.23 -10.54 -2.33
N VAL A 282 -0.05 -9.94 -2.37
CA VAL A 282 1.18 -10.70 -2.30
C VAL A 282 1.15 -11.50 -3.61
N GLN A 283 1.10 -10.75 -4.70
CA GLN A 283 1.03 -11.27 -6.05
C GLN A 283 2.00 -12.39 -6.36
N LYS A 284 3.28 -12.05 -6.45
CA LYS A 284 4.33 -13.01 -6.79
C LYS A 284 4.66 -13.99 -5.67
N ASP A 285 5.64 -14.84 -5.93
CA ASP A 285 6.08 -15.84 -4.95
C ASP A 285 7.29 -15.31 -4.22
N GLU A 286 8.21 -14.73 -4.98
CA GLU A 286 9.42 -14.17 -4.40
C GLU A 286 9.05 -13.11 -3.40
N GLN A 287 7.81 -12.64 -3.47
CA GLN A 287 7.31 -11.64 -2.55
C GLN A 287 6.91 -12.35 -1.27
N LEU A 288 6.19 -13.46 -1.42
CA LEU A 288 5.79 -14.24 -0.25
C LEU A 288 7.09 -14.62 0.44
N ASP A 289 8.00 -15.20 -0.33
CA ASP A 289 9.28 -15.63 0.20
C ASP A 289 9.92 -14.63 1.17
N VAL A 290 10.02 -13.37 0.76
CA VAL A 290 10.62 -12.37 1.62
C VAL A 290 9.87 -12.33 2.95
N LEU A 291 8.56 -12.14 2.89
CA LEU A 291 7.79 -12.12 4.12
C LEU A 291 8.12 -13.39 4.90
N ILE A 292 8.11 -14.52 4.21
CA ILE A 292 8.43 -15.79 4.83
C ILE A 292 9.81 -15.72 5.50
N LYS A 293 10.76 -15.05 4.84
CA LYS A 293 12.09 -14.94 5.41
C LYS A 293 12.08 -13.97 6.58
N LEU A 294 11.48 -12.79 6.42
CA LEU A 294 11.41 -11.83 7.51
C LEU A 294 10.75 -12.48 8.71
N ALA A 295 9.68 -13.23 8.43
CA ALA A 295 8.93 -13.90 9.48
C ALA A 295 9.78 -14.94 10.18
N GLU A 296 10.57 -15.67 9.40
CA GLU A 296 11.42 -16.70 9.97
C GLU A 296 12.36 -16.15 11.04
N GLY A 297 13.15 -15.17 10.66
CA GLY A 297 14.08 -14.58 11.61
C GLY A 297 13.42 -14.15 12.90
N GLN A 298 12.12 -13.91 12.82
CA GLN A 298 11.38 -13.48 13.99
C GLN A 298 10.78 -14.66 14.72
N GLY A 299 10.89 -15.84 14.15
CA GLY A 299 10.33 -17.00 14.80
C GLY A 299 8.82 -16.89 14.77
N ARG A 300 8.31 -16.22 13.74
CA ARG A 300 6.89 -16.02 13.55
C ARG A 300 6.36 -17.25 12.80
N PRO A 301 5.19 -17.74 13.17
CA PRO A 301 4.64 -18.91 12.48
C PRO A 301 4.21 -18.63 11.05
N LEU A 302 4.42 -19.60 10.17
CA LEU A 302 4.03 -19.43 8.78
C LEU A 302 2.57 -19.78 8.63
N LEU A 303 2.26 -21.05 8.90
CA LEU A 303 0.92 -21.57 8.79
C LEU A 303 0.15 -21.44 10.09
N ASN A 304 -1.15 -21.71 10.03
CA ASN A 304 -2.03 -21.66 11.19
C ASN A 304 -2.35 -23.09 11.63
N SER A 305 -2.25 -23.32 12.92
CA SER A 305 -2.52 -24.63 13.48
C SER A 305 -4.01 -24.90 13.62
C1 PSY B . -0.15 -5.99 -13.44
C2 PSY B . -0.37 -6.70 -12.22
C3 PSY B . 0.97 -5.11 -13.50
C4 PSY B . 0.51 -6.53 -11.11
C5 PSY B . 1.85 -4.93 -12.41
C6 PSY B . 1.62 -5.64 -11.21
O1 PSY B . 2.50 -5.45 -10.15
S PSY B . 2.48 -4.29 -9.03
O2 PSY B . 3.63 -4.48 -8.16
O3 PSY B . 2.59 -2.99 -9.64
C7 PSY B . 1.33 -4.31 -8.16
C8 PSY B . 1.18 -3.16 -7.28
#